data_5RYY
#
_entry.id   5RYY
#
_cell.length_a   38.600
_cell.length_b   77.670
_cell.length_c   99.400
_cell.angle_alpha   90.000
_cell.angle_beta   90.000
_cell.angle_gamma   90.000
#
_symmetry.space_group_name_H-M   'P 21 21 21'
#
loop_
_entity.id
_entity.type
_entity.pdbx_description
1 polymer 'Isoform 2 of Band 4.1-like protein 3'
2 non-polymer 1-(3-phenylprop-2-yn-1-yl)piperidine
3 non-polymer 'DIMETHYL SULFOXIDE'
4 non-polymer 1,2-ETHANEDIOL
5 water water
#
_entity_poly.entity_id   1
_entity_poly.type   'polypeptide(L)'
_entity_poly.pdbx_seq_one_letter_code
;SMPKSMQCKVILLDGSEYTCDVEKRSRGQVLFDKVCEHLNLLEKDYFGLTYRDAENQKNWLDPAKEIKKQVRSGAWHFSF
NVKFYPPDPAQLSEDITRYYLCLQLRDDIVSGRLPCSFVTLALLGSYTVQSELGDYDPDECGSDYISEFRFAPNHTKELE
DKVIELHKSHRGMTPAEAEMHFLENAKKLSMYGVDLHHAKDSEGVEIMLGVCASGLLIYRDRLRINRFAWPKVLKISYKR
NNFYIKIRPGEFEQFESTIGFKLPNHRAAKRLWKVCVEHHTFFRLL
;
_entity_poly.pdbx_strand_id   A
#
loop_
_chem_comp.id
_chem_comp.type
_chem_comp.name
_chem_comp.formula
DMS non-polymer 'DIMETHYL SULFOXIDE' 'C2 H6 O S'
EDO non-polymer 1,2-ETHANEDIOL 'C2 H6 O2'
WGV non-polymer 1-(3-phenylprop-2-yn-1-yl)piperidine 'C14 H17 N'
#
# COMPACT_ATOMS: atom_id res chain seq x y z
N PRO A 3 -7.21 -31.82 16.54
CA PRO A 3 -6.71 -30.45 16.26
C PRO A 3 -7.87 -29.51 15.88
N LYS A 4 -8.10 -28.47 16.66
CA LYS A 4 -9.22 -27.53 16.39
C LYS A 4 -8.76 -26.46 15.41
N SER A 5 -9.55 -26.25 14.36
N SER A 5 -9.53 -26.32 14.33
CA SER A 5 -9.21 -25.33 13.25
CA SER A 5 -9.31 -25.36 13.23
C SER A 5 -10.25 -24.20 13.15
C SER A 5 -10.17 -24.11 13.47
N MET A 6 -9.77 -22.97 12.87
CA MET A 6 -10.61 -21.75 12.80
C MET A 6 -10.76 -21.42 11.31
N GLN A 7 -11.96 -21.05 10.91
CA GLN A 7 -12.24 -20.58 9.55
C GLN A 7 -11.68 -19.16 9.39
N CYS A 8 -10.94 -18.94 8.32
CA CYS A 8 -10.39 -17.61 7.93
C CYS A 8 -11.04 -17.14 6.65
N LYS A 9 -11.46 -15.87 6.59
CA LYS A 9 -11.97 -15.24 5.36
C LYS A 9 -11.02 -14.12 4.95
N VAL A 10 -10.57 -14.15 3.70
CA VAL A 10 -9.54 -13.20 3.19
C VAL A 10 -10.11 -12.48 1.98
N ILE A 11 -10.17 -11.16 2.07
CA ILE A 11 -10.54 -10.31 0.91
C ILE A 11 -9.31 -10.18 0.03
N LEU A 12 -9.41 -10.68 -1.19
CA LEU A 12 -8.33 -10.61 -2.20
C LEU A 12 -8.40 -9.29 -2.96
N LEU A 13 -7.33 -8.98 -3.69
CA LEU A 13 -7.18 -7.64 -4.31
C LEU A 13 -8.16 -7.47 -5.47
N ASP A 14 -8.73 -8.56 -6.01
CA ASP A 14 -9.83 -8.46 -7.03
C ASP A 14 -11.20 -8.29 -6.37
N GLY A 15 -11.26 -8.16 -5.04
CA GLY A 15 -12.50 -8.01 -4.26
C GLY A 15 -13.19 -9.34 -3.99
N SER A 16 -12.63 -10.47 -4.45
CA SER A 16 -13.18 -11.81 -4.13
C SER A 16 -12.72 -12.25 -2.73
N GLU A 17 -13.40 -13.26 -2.17
CA GLU A 17 -13.20 -13.79 -0.80
C GLU A 17 -12.58 -15.19 -0.89
N TYR A 18 -11.44 -15.42 -0.26
CA TYR A 18 -10.86 -16.76 -0.09
C TYR A 18 -11.19 -17.22 1.33
N THR A 19 -11.65 -18.48 1.46
CA THR A 19 -11.96 -19.11 2.75
C THR A 19 -11.04 -20.31 2.92
N CYS A 20 -10.39 -20.43 4.07
CA CYS A 20 -9.64 -21.65 4.44
C CYS A 20 -9.71 -21.86 5.94
N ASP A 21 -9.12 -22.95 6.41
CA ASP A 21 -9.04 -23.26 7.85
C ASP A 21 -7.57 -23.34 8.22
N VAL A 22 -7.24 -22.92 9.42
CA VAL A 22 -5.91 -23.15 10.05
C VAL A 22 -6.18 -23.63 11.47
N GLU A 23 -5.24 -24.41 12.03
CA GLU A 23 -5.28 -24.80 13.45
C GLU A 23 -5.33 -23.50 14.26
N LYS A 24 -6.07 -23.47 15.38
CA LYS A 24 -6.41 -22.21 16.07
C LYS A 24 -5.15 -21.54 16.66
N ARG A 25 -4.08 -22.28 16.97
CA ARG A 25 -2.83 -21.68 17.51
C ARG A 25 -1.84 -21.32 16.36
N SER A 26 -2.27 -21.38 15.13
CA SER A 26 -1.45 -21.05 13.93
C SER A 26 -0.86 -19.64 14.02
N ARG A 27 0.38 -19.50 13.58
CA ARG A 27 1.04 -18.19 13.37
C ARG A 27 0.53 -17.60 12.06
N GLY A 28 0.67 -16.27 11.90
CA GLY A 28 0.16 -15.58 10.70
C GLY A 28 0.74 -16.17 9.41
N GLN A 29 2.02 -16.61 9.45
CA GLN A 29 2.70 -17.11 8.23
C GLN A 29 1.91 -18.26 7.61
N VAL A 30 1.29 -19.10 8.45
CA VAL A 30 0.56 -20.33 8.02
C VAL A 30 -0.56 -19.87 7.08
N LEU A 31 -1.37 -18.91 7.53
CA LEU A 31 -2.48 -18.39 6.69
C LEU A 31 -1.92 -17.69 5.44
N PHE A 32 -0.92 -16.85 5.61
CA PHE A 32 -0.29 -16.10 4.51
C PHE A 32 0.19 -17.08 3.44
N ASP A 33 0.87 -18.15 3.83
CA ASP A 33 1.36 -19.17 2.85
C ASP A 33 0.18 -19.74 2.07
N LYS A 34 -0.93 -20.09 2.74
CA LYS A 34 -2.14 -20.62 2.05
C LYS A 34 -2.69 -19.60 1.06
N VAL A 35 -2.75 -18.32 1.44
CA VAL A 35 -3.29 -17.30 0.49
C VAL A 35 -2.37 -17.17 -0.73
N CYS A 36 -1.07 -17.04 -0.51
CA CYS A 36 -0.10 -16.88 -1.61
C CYS A 36 -0.15 -18.09 -2.53
N GLU A 37 -0.28 -19.30 -2.00
CA GLU A 37 -0.36 -20.51 -2.85
C GLU A 37 -1.62 -20.40 -3.72
N HIS A 38 -2.77 -20.06 -3.14
CA HIS A 38 -4.03 -19.82 -3.87
C HIS A 38 -3.79 -18.80 -4.98
N LEU A 39 -2.97 -17.78 -4.73
CA LEU A 39 -2.77 -16.69 -5.71
C LEU A 39 -1.65 -17.05 -6.71
N ASN A 40 -0.98 -18.22 -6.59
CA ASN A 40 0.20 -18.56 -7.44
C ASN A 40 1.30 -17.49 -7.30
N LEU A 41 1.49 -16.95 -6.10
CA LEU A 41 2.41 -15.83 -5.86
C LEU A 41 3.69 -16.38 -5.20
N LEU A 42 4.83 -16.16 -5.85
CA LEU A 42 6.16 -16.58 -5.34
C LEU A 42 6.88 -15.42 -4.69
N GLU A 43 6.75 -14.21 -5.23
CA GLU A 43 7.50 -13.06 -4.72
C GLU A 43 6.69 -12.51 -3.54
N LYS A 44 6.64 -13.24 -2.45
CA LYS A 44 5.69 -13.02 -1.32
C LYS A 44 6.15 -11.87 -0.42
N ASP A 45 7.42 -11.48 -0.50
CA ASP A 45 8.08 -10.57 0.47
C ASP A 45 7.41 -9.21 0.49
N TYR A 46 6.78 -8.79 -0.61
CA TYR A 46 6.20 -7.45 -0.75
C TYR A 46 4.81 -7.39 -0.11
N PHE A 47 4.25 -8.50 0.33
CA PHE A 47 2.80 -8.58 0.63
C PHE A 47 2.58 -8.99 2.08
N GLY A 48 1.35 -8.89 2.53
CA GLY A 48 0.98 -9.27 3.89
C GLY A 48 -0.53 -9.32 4.00
N LEU A 49 -0.98 -9.68 5.18
CA LEU A 49 -2.43 -9.66 5.51
C LEU A 49 -2.67 -8.57 6.55
N THR A 50 -3.80 -7.87 6.41
CA THR A 50 -4.26 -6.91 7.42
C THR A 50 -5.51 -7.49 8.08
N TYR A 51 -5.78 -6.99 9.28
CA TYR A 51 -7.07 -7.22 9.97
C TYR A 51 -7.46 -5.87 10.57
N ARG A 52 -8.70 -5.79 11.04
CA ARG A 52 -9.25 -4.59 11.72
C ARG A 52 -9.34 -4.90 13.21
N ASP A 53 -8.80 -4.03 14.06
CA ASP A 53 -8.78 -4.25 15.53
C ASP A 53 -10.08 -3.76 16.11
N ALA A 54 -10.20 -3.92 17.43
CA ALA A 54 -11.40 -3.55 18.24
C ALA A 54 -11.62 -2.05 18.14
N GLU A 55 -10.55 -1.26 17.91
CA GLU A 55 -10.62 0.21 17.68
C GLU A 55 -10.94 0.49 16.19
N ASN A 56 -11.06 -0.56 15.36
CA ASN A 56 -11.33 -0.55 13.88
C ASN A 56 -10.13 -0.03 13.06
N GLN A 57 -8.91 -0.07 13.59
CA GLN A 57 -7.71 0.38 12.81
C GLN A 57 -7.20 -0.83 12.01
N LYS A 58 -6.73 -0.60 10.78
CA LYS A 58 -5.99 -1.61 9.98
C LYS A 58 -4.70 -1.93 10.71
N ASN A 59 -4.44 -3.21 10.98
CA ASN A 59 -3.17 -3.68 11.55
C ASN A 59 -2.61 -4.68 10.56
N TRP A 60 -1.28 -4.75 10.46
CA TRP A 60 -0.63 -5.87 9.77
C TRP A 60 -0.65 -7.11 10.66
N LEU A 61 -1.02 -8.24 10.10
CA LEU A 61 -0.95 -9.53 10.80
C LEU A 61 0.53 -9.91 10.85
N ASP A 62 1.12 -10.01 12.04
CA ASP A 62 2.55 -10.37 12.15
C ASP A 62 2.68 -11.86 11.84
N PRO A 63 3.42 -12.23 10.78
CA PRO A 63 3.51 -13.64 10.39
C PRO A 63 4.16 -14.52 11.47
N ALA A 64 4.95 -13.93 12.37
CA ALA A 64 5.75 -14.66 13.39
C ALA A 64 4.94 -14.89 14.67
N LYS A 65 3.77 -14.27 14.82
CA LYS A 65 2.96 -14.37 16.06
C LYS A 65 1.66 -15.14 15.81
N GLU A 66 1.09 -15.74 16.86
CA GLU A 66 -0.19 -16.46 16.76
C GLU A 66 -1.22 -15.46 16.20
N ILE A 67 -2.05 -15.94 15.29
CA ILE A 67 -3.19 -15.16 14.76
C ILE A 67 -4.10 -14.78 15.94
N LYS A 68 -4.40 -15.74 16.82
CA LYS A 68 -5.38 -15.49 17.92
C LYS A 68 -4.90 -14.38 18.85
N LYS A 69 -3.60 -14.18 19.07
CA LYS A 69 -3.08 -13.14 19.99
C LYS A 69 -3.06 -11.77 19.31
N GLN A 70 -3.42 -11.73 18.02
CA GLN A 70 -3.51 -10.45 17.28
C GLN A 70 -4.97 -10.09 17.06
N VAL A 71 -5.78 -11.00 16.51
CA VAL A 71 -7.21 -10.68 16.23
C VAL A 71 -7.96 -10.62 17.58
N ARG A 72 -7.50 -11.36 18.59
CA ARG A 72 -7.99 -11.32 20.00
C ARG A 72 -9.50 -11.57 19.99
N SER A 73 -10.34 -10.55 20.24
CA SER A 73 -11.80 -10.72 20.39
C SER A 73 -12.49 -10.68 19.02
N GLY A 74 -11.81 -10.21 17.98
CA GLY A 74 -12.38 -9.93 16.64
C GLY A 74 -12.53 -11.18 15.77
N ALA A 75 -13.21 -11.01 14.64
CA ALA A 75 -13.46 -12.05 13.63
C ALA A 75 -12.12 -12.38 12.94
N TRP A 76 -12.00 -13.60 12.44
CA TRP A 76 -10.82 -14.04 11.66
C TRP A 76 -11.07 -13.67 10.19
N HIS A 77 -11.13 -12.37 9.97
CA HIS A 77 -11.40 -11.75 8.67
C HIS A 77 -10.17 -10.89 8.33
N PHE A 78 -9.69 -11.03 7.12
CA PHE A 78 -8.40 -10.40 6.73
C PHE A 78 -8.53 -9.81 5.35
N SER A 79 -7.57 -8.96 5.00
CA SER A 79 -7.39 -8.52 3.59
C SER A 79 -5.97 -8.88 3.16
N PHE A 80 -5.81 -9.23 1.90
CA PHE A 80 -4.50 -9.41 1.25
C PHE A 80 -4.05 -8.08 0.64
N ASN A 81 -2.83 -7.64 0.99
CA ASN A 81 -2.38 -6.29 0.62
C ASN A 81 -0.88 -6.23 0.34
N VAL A 82 -0.54 -5.21 -0.43
CA VAL A 82 0.90 -4.86 -0.62
C VAL A 82 1.37 -4.20 0.68
N LYS A 83 2.46 -4.71 1.24
CA LYS A 83 3.05 -4.17 2.50
C LYS A 83 4.23 -3.28 2.15
N PHE A 84 5.11 -3.75 1.28
CA PHE A 84 6.33 -3.00 0.86
C PHE A 84 6.21 -2.75 -0.64
N TYR A 85 5.99 -1.49 -1.03
CA TYR A 85 5.79 -1.12 -2.44
C TYR A 85 7.16 -1.01 -3.09
N PRO A 86 7.49 -1.81 -4.11
CA PRO A 86 8.84 -1.77 -4.71
C PRO A 86 9.06 -0.44 -5.41
N PRO A 87 10.16 0.30 -5.15
CA PRO A 87 10.40 1.58 -5.79
C PRO A 87 10.54 1.41 -7.32
N ASP A 88 10.95 0.24 -7.76
CA ASP A 88 11.16 -0.05 -9.21
C ASP A 88 10.52 -1.39 -9.55
N PRO A 89 9.22 -1.37 -9.87
CA PRO A 89 8.50 -2.62 -10.14
C PRO A 89 9.01 -3.43 -11.34
N ALA A 90 9.71 -2.79 -12.29
CA ALA A 90 10.35 -3.49 -13.44
C ALA A 90 11.38 -4.51 -12.95
N GLN A 91 11.92 -4.34 -11.74
CA GLN A 91 12.95 -5.28 -11.20
C GLN A 91 12.28 -6.49 -10.54
N LEU A 92 10.96 -6.51 -10.34
CA LEU A 92 10.33 -7.76 -9.86
C LEU A 92 10.53 -8.87 -10.91
N SER A 93 10.67 -10.10 -10.46
CA SER A 93 11.01 -11.22 -11.36
C SER A 93 9.78 -11.74 -12.10
N GLU A 94 8.56 -11.58 -11.56
CA GLU A 94 7.36 -12.22 -12.17
C GLU A 94 6.30 -11.19 -12.53
N ASP A 95 5.73 -11.36 -13.72
CA ASP A 95 4.56 -10.58 -14.17
C ASP A 95 3.44 -10.73 -13.13
N ILE A 96 3.24 -11.87 -12.52
CA ILE A 96 2.04 -12.02 -11.64
C ILE A 96 2.21 -11.12 -10.42
N THR A 97 3.45 -10.89 -9.99
CA THR A 97 3.75 -9.97 -8.88
C THR A 97 3.30 -8.60 -9.29
N ARG A 98 3.66 -8.18 -10.50
CA ARG A 98 3.34 -6.83 -11.00
C ARG A 98 1.82 -6.70 -11.08
N TYR A 99 1.14 -7.77 -11.46
CA TYR A 99 -0.33 -7.81 -11.62
C TYR A 99 -0.97 -7.53 -10.24
N TYR A 100 -0.59 -8.23 -9.19
CA TYR A 100 -1.19 -7.95 -7.85
C TYR A 100 -0.82 -6.53 -7.43
N LEU A 101 0.41 -6.07 -7.69
CA LEU A 101 0.79 -4.68 -7.35
C LEU A 101 -0.15 -3.68 -8.06
N CYS A 102 -0.52 -3.94 -9.32
CA CYS A 102 -1.44 -3.07 -10.08
C CYS A 102 -2.82 -3.07 -9.39
N LEU A 103 -3.32 -4.23 -8.98
CA LEU A 103 -4.66 -4.31 -8.34
C LEU A 103 -4.62 -3.46 -7.07
N GLN A 104 -3.55 -3.57 -6.28
CA GLN A 104 -3.44 -2.80 -5.00
C GLN A 104 -3.48 -1.33 -5.35
N LEU A 105 -2.69 -0.92 -6.34
CA LEU A 105 -2.57 0.50 -6.70
C LEU A 105 -3.91 1.05 -7.23
N ARG A 106 -4.66 0.25 -7.98
CA ARG A 106 -6.00 0.66 -8.45
C ARG A 106 -6.85 1.02 -7.25
N ASP A 107 -6.74 0.25 -6.16
CA ASP A 107 -7.56 0.51 -4.95
C ASP A 107 -7.01 1.75 -4.23
N ASP A 108 -5.70 1.89 -4.21
CA ASP A 108 -5.04 3.09 -3.63
C ASP A 108 -5.59 4.32 -4.33
N ILE A 109 -5.76 4.25 -5.64
CA ILE A 109 -6.24 5.41 -6.43
C ILE A 109 -7.72 5.65 -6.14
N VAL A 110 -8.58 4.65 -6.32
CA VAL A 110 -10.05 4.83 -6.18
C VAL A 110 -10.33 5.36 -4.76
N SER A 111 -9.60 4.87 -3.76
CA SER A 111 -9.79 5.20 -2.33
C SER A 111 -9.36 6.64 -2.04
N GLY A 112 -8.55 7.26 -2.91
CA GLY A 112 -7.93 8.57 -2.66
C GLY A 112 -6.69 8.50 -1.79
N ARG A 113 -6.20 7.33 -1.41
CA ARG A 113 -4.92 7.20 -0.67
C ARG A 113 -3.75 7.64 -1.58
N LEU A 114 -3.91 7.51 -2.89
CA LEU A 114 -2.83 7.86 -3.85
C LEU A 114 -3.36 8.94 -4.78
N PRO A 115 -3.14 10.23 -4.44
CA PRO A 115 -3.72 11.28 -5.25
C PRO A 115 -3.03 11.24 -6.61
N CYS A 116 -3.74 11.76 -7.59
N CYS A 116 -3.81 11.52 -7.65
CA CYS A 116 -3.40 11.62 -9.01
CA CYS A 116 -3.37 11.60 -9.07
C CYS A 116 -4.04 12.75 -9.82
C CYS A 116 -3.98 12.85 -9.73
N SER A 117 -3.29 13.37 -10.74
CA SER A 117 -3.82 14.36 -11.69
C SER A 117 -4.87 13.67 -12.58
N PHE A 118 -5.73 14.48 -13.17
CA PHE A 118 -6.68 14.05 -14.21
C PHE A 118 -5.97 13.21 -15.26
N VAL A 119 -4.89 13.75 -15.86
CA VAL A 119 -4.22 13.05 -16.97
C VAL A 119 -3.65 11.71 -16.50
N THR A 120 -3.00 11.66 -15.35
CA THR A 120 -2.47 10.40 -14.80
C THR A 120 -3.62 9.43 -14.45
N LEU A 121 -4.75 9.91 -13.90
CA LEU A 121 -5.90 8.98 -13.71
C LEU A 121 -6.30 8.34 -15.04
N ALA A 122 -6.44 9.15 -16.10
CA ALA A 122 -6.86 8.68 -17.43
C ALA A 122 -5.81 7.74 -18.03
N LEU A 123 -4.51 8.04 -17.93
CA LEU A 123 -3.46 7.17 -18.46
C LEU A 123 -3.45 5.80 -17.73
N LEU A 124 -3.43 5.81 -16.39
CA LEU A 124 -3.48 4.57 -15.58
C LEU A 124 -4.74 3.78 -15.96
N GLY A 125 -5.90 4.43 -15.98
CA GLY A 125 -7.15 3.80 -16.38
C GLY A 125 -7.04 3.17 -17.77
N SER A 126 -6.45 3.87 -18.74
CA SER A 126 -6.28 3.35 -20.13
C SER A 126 -5.44 2.07 -20.14
N TYR A 127 -4.37 1.99 -19.34
CA TYR A 127 -3.52 0.78 -19.24
C TYR A 127 -4.32 -0.36 -18.58
N THR A 128 -5.10 -0.06 -17.57
CA THR A 128 -5.97 -1.10 -16.92
C THR A 128 -6.93 -1.68 -17.98
N VAL A 129 -7.61 -0.82 -18.72
CA VAL A 129 -8.57 -1.29 -19.75
C VAL A 129 -7.81 -2.15 -20.78
N GLN A 130 -6.66 -1.70 -21.24
CA GLN A 130 -5.91 -2.45 -22.26
C GLN A 130 -5.59 -3.85 -21.72
N SER A 131 -5.12 -3.94 -20.48
N SER A 131 -5.18 -3.95 -20.45
CA SER A 131 -4.79 -5.19 -19.76
CA SER A 131 -4.78 -5.21 -19.77
C SER A 131 -6.04 -6.08 -19.63
C SER A 131 -5.99 -6.10 -19.46
N GLU A 132 -7.16 -5.50 -19.19
CA GLU A 132 -8.39 -6.28 -18.87
C GLU A 132 -9.20 -6.61 -20.14
N LEU A 133 -9.37 -5.68 -21.07
CA LEU A 133 -10.23 -5.93 -22.26
C LEU A 133 -9.39 -6.15 -23.51
N GLY A 134 -8.09 -5.86 -23.53
CA GLY A 134 -7.36 -5.91 -24.81
C GLY A 134 -7.61 -4.66 -25.65
N ASP A 135 -7.49 -4.80 -26.96
CA ASP A 135 -7.46 -3.68 -27.93
C ASP A 135 -8.78 -2.93 -27.91
N TYR A 136 -8.74 -1.61 -28.09
CA TYR A 136 -9.93 -0.75 -28.19
C TYR A 136 -10.87 -1.31 -29.27
N ASP A 137 -12.15 -1.36 -28.93
CA ASP A 137 -13.28 -1.81 -29.77
C ASP A 137 -14.42 -0.79 -29.74
N PRO A 138 -14.69 -0.08 -30.86
CA PRO A 138 -15.77 0.91 -30.89
C PRO A 138 -17.13 0.29 -30.54
N ASP A 139 -17.32 -1.03 -30.78
CA ASP A 139 -18.60 -1.77 -30.59
C ASP A 139 -19.11 -1.64 -29.16
N GLU A 140 -18.24 -1.70 -28.14
CA GLU A 140 -18.64 -1.64 -26.71
C GLU A 140 -18.40 -0.23 -26.17
N CYS A 141 -18.59 0.79 -27.00
CA CYS A 141 -18.20 2.18 -26.67
C CYS A 141 -18.80 3.15 -27.70
N GLY A 142 -19.93 3.76 -27.34
CA GLY A 142 -20.48 4.93 -28.04
C GLY A 142 -19.96 6.20 -27.39
N SER A 143 -20.42 7.36 -27.86
CA SER A 143 -20.08 8.69 -27.31
C SER A 143 -20.58 8.77 -25.85
N ASP A 144 -21.45 7.84 -25.43
CA ASP A 144 -22.07 7.86 -24.08
C ASP A 144 -21.42 6.79 -23.17
N TYR A 145 -20.32 6.14 -23.59
CA TYR A 145 -19.67 5.03 -22.82
C TYR A 145 -19.22 5.47 -21.41
N ILE A 146 -19.58 4.66 -20.41
CA ILE A 146 -19.00 4.67 -19.03
C ILE A 146 -18.54 3.26 -18.65
N SER A 147 -17.25 3.09 -18.37
CA SER A 147 -16.57 1.82 -18.06
C SER A 147 -17.10 1.26 -16.74
N GLU A 148 -17.08 -0.07 -16.62
CA GLU A 148 -17.38 -0.73 -15.33
C GLU A 148 -16.22 -0.46 -14.37
N PHE A 149 -15.02 -0.18 -14.91
CA PHE A 149 -13.78 -0.03 -14.11
C PHE A 149 -13.95 1.30 -13.38
N ARG A 150 -13.67 1.20 -12.11
CA ARG A 150 -13.42 2.32 -11.18
C ARG A 150 -11.98 2.75 -11.43
N PHE A 151 -11.81 4.01 -11.75
CA PHE A 151 -10.53 4.67 -12.11
C PHE A 151 -10.14 5.71 -11.11
N ALA A 152 -11.06 6.26 -10.31
CA ALA A 152 -10.79 7.50 -9.57
C ALA A 152 -11.73 7.63 -8.38
N PRO A 153 -11.36 8.45 -7.40
CA PRO A 153 -12.24 8.70 -6.26
C PRO A 153 -13.55 9.36 -6.70
N ASN A 154 -13.53 10.11 -7.78
CA ASN A 154 -14.74 10.80 -8.32
C ASN A 154 -14.67 10.74 -9.84
N HIS A 155 -15.63 10.04 -10.42
CA HIS A 155 -15.72 9.82 -11.87
C HIS A 155 -16.47 10.98 -12.55
N THR A 156 -15.95 11.40 -13.69
CA THR A 156 -16.60 12.38 -14.59
C THR A 156 -16.68 11.78 -15.99
N LYS A 157 -17.60 12.29 -16.79
CA LYS A 157 -17.66 11.88 -18.20
C LYS A 157 -16.37 12.28 -18.90
N GLU A 158 -15.81 13.45 -18.55
CA GLU A 158 -14.53 13.90 -19.15
C GLU A 158 -13.43 12.83 -18.93
N LEU A 159 -13.33 12.28 -17.72
CA LEU A 159 -12.30 11.27 -17.41
C LEU A 159 -12.59 10.00 -18.23
N GLU A 160 -13.85 9.55 -18.31
CA GLU A 160 -14.21 8.36 -19.13
C GLU A 160 -13.78 8.55 -20.59
N ASP A 161 -14.00 9.75 -21.10
CA ASP A 161 -13.62 10.07 -22.49
C ASP A 161 -12.10 9.99 -22.66
N LYS A 162 -11.35 10.51 -21.69
CA LYS A 162 -9.88 10.57 -21.79
C LYS A 162 -9.31 9.16 -21.72
N VAL A 163 -9.86 8.31 -20.85
CA VAL A 163 -9.47 6.85 -20.79
C VAL A 163 -9.63 6.26 -22.18
N ILE A 164 -10.76 6.47 -22.83
CA ILE A 164 -11.02 5.83 -24.15
C ILE A 164 -10.04 6.37 -25.18
N GLU A 165 -9.85 7.70 -25.19
CA GLU A 165 -8.89 8.34 -26.12
C GLU A 165 -7.51 7.69 -25.98
N LEU A 166 -7.02 7.50 -24.74
CA LEU A 166 -5.67 6.95 -24.51
C LEU A 166 -5.67 5.45 -24.80
N HIS A 167 -6.79 4.77 -24.54
CA HIS A 167 -6.91 3.32 -24.80
C HIS A 167 -6.74 3.06 -26.32
N LYS A 168 -7.29 3.94 -27.14
CA LYS A 168 -7.13 3.82 -28.61
C LYS A 168 -5.64 3.75 -28.98
N SER A 169 -4.77 4.45 -28.26
CA SER A 169 -3.33 4.54 -28.62
C SER A 169 -2.61 3.24 -28.25
N HIS A 170 -3.19 2.32 -27.46
CA HIS A 170 -2.43 1.15 -26.93
C HIS A 170 -2.65 -0.13 -27.77
N ARG A 171 -3.16 -0.03 -28.98
CA ARG A 171 -3.48 -1.23 -29.81
C ARG A 171 -2.25 -2.15 -29.91
N GLY A 172 -2.44 -3.46 -29.67
CA GLY A 172 -1.41 -4.52 -29.75
C GLY A 172 -0.67 -4.74 -28.44
N MET A 173 -0.94 -3.92 -27.42
CA MET A 173 -0.27 -4.04 -26.10
C MET A 173 -0.81 -5.24 -25.35
N THR A 174 0.07 -6.09 -24.83
CA THR A 174 -0.33 -7.29 -24.05
C THR A 174 -0.61 -6.89 -22.61
N PRO A 175 -1.30 -7.75 -21.83
CA PRO A 175 -1.58 -7.41 -20.43
C PRO A 175 -0.33 -7.09 -19.61
N ALA A 176 0.73 -7.87 -19.80
CA ALA A 176 2.00 -7.71 -19.04
C ALA A 176 2.63 -6.36 -19.39
N GLU A 177 2.57 -5.99 -20.67
CA GLU A 177 3.10 -4.72 -21.19
C GLU A 177 2.31 -3.53 -20.61
N ALA A 178 0.97 -3.63 -20.62
CA ALA A 178 0.08 -2.55 -20.10
C ALA A 178 0.32 -2.39 -18.59
N GLU A 179 0.46 -3.50 -17.89
CA GLU A 179 0.68 -3.53 -16.42
C GLU A 179 2.04 -2.87 -16.14
N MET A 180 3.04 -3.14 -16.97
CA MET A 180 4.37 -2.52 -16.74
C MET A 180 4.28 -1.00 -16.98
N HIS A 181 3.59 -0.53 -18.02
CA HIS A 181 3.36 0.91 -18.25
C HIS A 181 2.58 1.54 -17.08
N PHE A 182 1.58 0.83 -16.59
CA PHE A 182 0.79 1.34 -15.45
C PHE A 182 1.77 1.65 -14.30
N LEU A 183 2.63 0.70 -13.97
CA LEU A 183 3.56 0.79 -12.84
C LEU A 183 4.66 1.83 -13.08
N GLU A 184 5.13 2.01 -14.31
CA GLU A 184 6.17 3.05 -14.59
C GLU A 184 5.61 4.44 -14.30
N ASN A 185 4.33 4.65 -14.55
CA ASN A 185 3.66 5.93 -14.23
C ASN A 185 3.35 5.99 -12.72
N ALA A 186 2.69 4.98 -12.17
CA ALA A 186 2.25 5.02 -10.76
C ALA A 186 3.43 5.25 -9.81
N LYS A 187 4.58 4.64 -10.06
CA LYS A 187 5.72 4.61 -9.12
C LYS A 187 6.25 6.03 -8.92
N LYS A 188 5.91 6.97 -9.80
CA LYS A 188 6.50 8.33 -9.75
C LYS A 188 5.64 9.27 -8.91
N LEU A 189 4.42 8.85 -8.60
CA LEU A 189 3.47 9.76 -7.94
C LEU A 189 4.03 10.04 -6.54
N SER A 190 3.88 11.26 -6.07
CA SER A 190 4.58 11.66 -4.82
C SER A 190 4.07 10.80 -3.63
N MET A 191 2.84 10.25 -3.66
CA MET A 191 2.33 9.44 -2.51
C MET A 191 2.44 7.94 -2.81
N TYR A 192 3.11 7.53 -3.88
CA TYR A 192 3.33 6.08 -4.15
C TYR A 192 4.02 5.38 -2.98
N GLY A 193 3.37 4.35 -2.44
CA GLY A 193 3.97 3.50 -1.40
C GLY A 193 4.11 4.19 -0.05
N VAL A 194 3.48 5.35 0.12
CA VAL A 194 3.54 6.15 1.38
C VAL A 194 2.39 5.73 2.29
N ASP A 195 2.73 5.16 3.44
CA ASP A 195 1.77 4.82 4.53
C ASP A 195 1.65 6.03 5.46
N LEU A 196 0.46 6.65 5.55
CA LEU A 196 0.23 7.92 6.29
C LEU A 196 -0.32 7.64 7.69
N HIS A 197 0.23 8.33 8.69
CA HIS A 197 -0.24 8.23 10.09
C HIS A 197 -0.51 9.64 10.62
N HIS A 198 -1.70 9.88 11.18
CA HIS A 198 -2.04 11.13 11.92
C HIS A 198 -1.19 11.25 13.20
N ALA A 199 -0.64 12.42 13.46
CA ALA A 199 0.13 12.69 14.70
C ALA A 199 0.12 14.18 14.96
N LYS A 200 0.52 14.58 16.17
CA LYS A 200 0.82 16.00 16.49
C LYS A 200 2.31 16.14 16.71
N ASP A 201 2.87 17.29 16.35
CA ASP A 201 4.29 17.61 16.61
C ASP A 201 4.45 17.95 18.10
N SER A 202 5.67 18.27 18.52
CA SER A 202 6.05 18.64 19.90
C SER A 202 5.32 19.91 20.38
N GLU A 203 4.74 20.70 19.49
CA GLU A 203 4.00 21.94 19.85
C GLU A 203 2.48 21.68 19.83
N GLY A 204 2.05 20.45 19.52
CA GLY A 204 0.62 20.07 19.51
C GLY A 204 -0.08 20.31 18.17
N VAL A 205 0.65 20.64 17.11
CA VAL A 205 0.06 20.96 15.77
C VAL A 205 -0.10 19.64 14.99
N GLU A 206 -1.23 19.47 14.31
CA GLU A 206 -1.62 18.25 13.57
C GLU A 206 -0.75 18.14 12.32
N ILE A 207 -0.06 17.02 12.20
CA ILE A 207 0.80 16.68 11.04
C ILE A 207 0.40 15.29 10.55
N MET A 208 0.97 14.88 9.43
CA MET A 208 0.91 13.48 8.98
C MET A 208 2.35 13.00 8.87
N LEU A 209 2.60 11.78 9.32
CA LEU A 209 3.90 11.12 9.12
C LEU A 209 3.73 10.09 8.00
N GLY A 210 4.61 10.12 7.02
CA GLY A 210 4.54 9.14 5.92
C GLY A 210 5.71 8.18 6.04
N VAL A 211 5.46 6.90 5.80
CA VAL A 211 6.54 5.89 5.89
C VAL A 211 6.63 5.24 4.50
N CYS A 212 7.82 5.14 3.94
CA CYS A 212 7.95 4.54 2.59
C CYS A 212 9.39 4.03 2.42
N ALA A 213 9.68 3.44 1.28
CA ALA A 213 11.01 2.87 0.93
C ALA A 213 12.19 3.84 1.16
N SER A 214 11.97 5.12 0.84
CA SER A 214 13.04 6.15 0.84
C SER A 214 13.33 6.58 2.28
N GLY A 215 12.29 6.66 3.10
CA GLY A 215 12.45 7.14 4.48
C GLY A 215 11.16 7.62 5.08
N LEU A 216 11.29 8.62 5.95
CA LEU A 216 10.17 9.22 6.69
C LEU A 216 9.87 10.60 6.10
N LEU A 217 8.59 10.94 6.03
CA LEU A 217 8.15 12.27 5.62
C LEU A 217 7.30 12.84 6.75
N ILE A 218 7.50 14.12 7.04
CA ILE A 218 6.63 14.92 7.95
C ILE A 218 5.91 15.94 7.09
N TYR A 219 4.59 15.79 6.92
CA TYR A 219 3.71 16.69 6.14
C TYR A 219 3.07 17.70 7.09
N ARG A 220 3.74 18.85 7.31
CA ARG A 220 3.23 19.96 8.16
C ARG A 220 2.06 20.63 7.43
N ASP A 221 2.19 20.81 6.11
CA ASP A 221 1.08 21.12 5.16
C ASP A 221 1.59 20.81 3.75
N ARG A 222 1.00 21.44 2.71
CA ARG A 222 1.43 21.29 1.29
C ARG A 222 2.82 21.91 1.12
N LEU A 223 3.06 23.04 1.78
CA LEU A 223 4.42 23.60 2.02
C LEU A 223 4.94 22.98 3.32
N ARG A 224 6.26 23.05 3.54
CA ARG A 224 6.90 22.55 4.79
C ARG A 224 6.68 21.02 4.90
N ILE A 225 7.13 20.27 3.89
CA ILE A 225 7.31 18.80 3.95
C ILE A 225 8.77 18.51 4.31
N ASN A 226 9.00 17.91 5.48
CA ASN A 226 10.34 17.49 5.96
C ASN A 226 10.54 16.01 5.59
N ARG A 227 11.70 15.67 5.05
CA ARG A 227 12.01 14.33 4.50
C ARG A 227 13.32 13.83 5.13
N PHE A 228 13.30 12.64 5.71
CA PHE A 228 14.48 12.03 6.34
C PHE A 228 14.73 10.73 5.60
N ALA A 229 15.69 10.70 4.68
CA ALA A 229 16.20 9.46 4.06
C ALA A 229 16.57 8.51 5.19
N TRP A 230 16.38 7.21 5.00
CA TRP A 230 16.74 6.19 6.03
C TRP A 230 18.18 6.41 6.54
N PRO A 231 19.18 6.77 5.70
CA PRO A 231 20.55 7.01 6.18
C PRO A 231 20.61 8.03 7.33
N LYS A 232 19.74 9.03 7.29
CA LYS A 232 19.69 10.16 8.26
C LYS A 232 19.00 9.73 9.56
N VAL A 233 18.15 8.70 9.52
CA VAL A 233 17.38 8.22 10.71
C VAL A 233 18.27 7.32 11.55
N LEU A 234 18.71 7.81 12.72
CA LEU A 234 19.57 7.09 13.69
C LEU A 234 18.78 5.91 14.29
N LYS A 235 17.70 6.22 15.01
CA LYS A 235 16.83 5.20 15.66
C LYS A 235 15.42 5.76 15.81
N ILE A 236 14.48 4.85 16.04
CA ILE A 236 13.03 5.12 16.23
C ILE A 236 12.53 4.32 17.43
N SER A 237 11.68 4.94 18.24
CA SER A 237 11.19 4.44 19.55
C SER A 237 9.79 4.95 19.85
N TYR A 238 9.10 4.26 20.74
CA TYR A 238 7.78 4.70 21.25
C TYR A 238 7.78 4.57 22.77
N LYS A 239 7.05 5.45 23.42
CA LYS A 239 6.81 5.37 24.89
C LYS A 239 5.46 6.02 25.14
N ARG A 240 4.52 5.29 25.76
CA ARG A 240 3.13 5.75 26.00
C ARG A 240 2.52 6.15 24.63
N ASN A 241 2.08 7.40 24.47
CA ASN A 241 1.42 7.90 23.23
C ASN A 241 2.46 8.55 22.31
N ASN A 242 3.74 8.39 22.63
CA ASN A 242 4.81 9.19 21.97
C ASN A 242 5.68 8.32 21.08
N PHE A 243 6.05 8.92 19.97
CA PHE A 243 6.89 8.30 18.94
C PHE A 243 8.05 9.27 18.73
N TYR A 244 9.29 8.79 18.87
CA TYR A 244 10.50 9.65 18.82
C TYR A 244 11.36 9.24 17.63
N ILE A 245 11.79 10.22 16.83
CA ILE A 245 12.77 9.96 15.74
C ILE A 245 14.07 10.71 16.06
N LYS A 246 15.17 9.95 16.11
CA LYS A 246 16.52 10.52 16.29
C LYS A 246 17.15 10.61 14.91
N ILE A 247 17.71 11.78 14.58
CA ILE A 247 18.28 12.16 13.26
C ILE A 247 19.78 12.41 13.45
N ARG A 248 20.60 11.81 12.59
CA ARG A 248 22.08 12.01 12.61
C ARG A 248 22.38 13.49 12.60
N PRO A 249 23.49 13.93 13.24
CA PRO A 249 23.94 15.31 13.09
C PRO A 249 24.55 15.47 11.69
N GLY A 250 24.49 16.66 11.10
CA GLY A 250 25.35 17.04 9.97
C GLY A 250 26.81 16.78 10.35
N GLU A 251 27.61 16.19 9.46
CA GLU A 251 29.01 15.80 9.79
C GLU A 251 29.70 17.01 10.42
N PHE A 252 30.60 16.76 11.38
CA PHE A 252 31.20 17.80 12.27
C PHE A 252 30.25 18.34 13.38
N GLU A 253 29.07 17.76 13.54
CA GLU A 253 28.17 18.11 14.66
C GLU A 253 28.28 17.00 15.72
N GLN A 254 28.21 17.37 17.00
CA GLN A 254 28.59 16.50 18.14
C GLN A 254 27.50 15.45 18.43
N PHE A 255 26.21 15.82 18.23
CA PHE A 255 25.02 15.12 18.78
C PHE A 255 23.83 15.08 17.81
N GLU A 256 23.26 13.89 17.68
CA GLU A 256 21.94 13.66 17.03
C GLU A 256 20.87 14.64 17.54
N SER A 257 19.83 14.87 16.73
CA SER A 257 18.61 15.61 17.12
C SER A 257 17.49 14.60 17.39
N THR A 258 16.49 15.00 18.17
CA THR A 258 15.31 14.17 18.49
C THR A 258 14.09 14.98 18.07
N ILE A 259 13.23 14.34 17.29
CA ILE A 259 11.91 14.90 16.92
C ILE A 259 10.89 13.98 17.58
N GLY A 260 10.01 14.60 18.35
CA GLY A 260 8.96 13.88 19.10
C GLY A 260 7.62 14.15 18.48
N PHE A 261 6.76 13.13 18.52
CA PHE A 261 5.37 13.25 18.04
C PHE A 261 4.43 12.62 19.05
N LYS A 262 3.22 13.17 19.12
CA LYS A 262 2.11 12.62 19.92
C LYS A 262 1.13 11.90 18.98
N LEU A 263 0.92 10.61 19.23
CA LEU A 263 -0.06 9.77 18.50
C LEU A 263 -1.34 9.73 19.31
N PRO A 264 -2.47 9.35 18.66
CA PRO A 264 -3.76 9.25 19.35
C PRO A 264 -3.75 8.41 20.65
N ASN A 265 -3.01 7.32 20.68
CA ASN A 265 -3.04 6.36 21.80
C ASN A 265 -1.81 5.49 21.68
N HIS A 266 -1.57 4.69 22.71
CA HIS A 266 -0.38 3.82 22.81
C HIS A 266 -0.33 2.88 21.60
N ARG A 267 -1.47 2.37 21.16
CA ARG A 267 -1.52 1.36 20.07
C ARG A 267 -1.10 2.04 18.77
N ALA A 268 -1.59 3.25 18.50
CA ALA A 268 -1.24 3.98 17.26
C ALA A 268 0.27 4.28 17.26
N ALA A 269 0.86 4.52 18.44
CA ALA A 269 2.32 4.77 18.51
C ALA A 269 3.09 3.48 18.19
N LYS A 270 2.67 2.34 18.74
CA LYS A 270 3.40 1.06 18.56
C LYS A 270 3.30 0.65 17.08
N ARG A 271 2.13 0.83 16.48
CA ARG A 271 1.83 0.48 15.08
C ARG A 271 2.78 1.27 14.16
N LEU A 272 2.88 2.58 14.37
CA LEU A 272 3.81 3.43 13.58
C LEU A 272 5.25 2.93 13.74
N TRP A 273 5.70 2.71 14.98
CA TRP A 273 7.05 2.18 15.28
C TRP A 273 7.29 0.91 14.46
N LYS A 274 6.33 0.01 14.44
CA LYS A 274 6.58 -1.33 13.84
C LYS A 274 6.72 -1.16 12.32
N VAL A 275 5.86 -0.34 11.71
CA VAL A 275 5.89 -0.13 10.24
C VAL A 275 7.18 0.58 9.88
N CYS A 276 7.69 1.48 10.73
CA CYS A 276 8.98 2.16 10.49
C CYS A 276 10.13 1.15 10.53
N VAL A 277 10.23 0.37 11.61
CA VAL A 277 11.31 -0.67 11.74
C VAL A 277 11.27 -1.58 10.51
N GLU A 278 10.09 -2.06 10.13
CA GLU A 278 9.90 -3.02 9.01
C GLU A 278 10.35 -2.35 7.71
N HIS A 279 9.98 -1.09 7.47
CA HIS A 279 10.42 -0.36 6.26
C HIS A 279 11.92 -0.12 6.26
N HIS A 280 12.53 0.23 7.40
CA HIS A 280 14.01 0.47 7.45
C HIS A 280 14.76 -0.80 7.03
N THR A 281 14.36 -1.97 7.54
CA THR A 281 15.01 -3.27 7.21
C THR A 281 14.83 -3.54 5.71
N PHE A 282 13.69 -3.15 5.15
CA PHE A 282 13.44 -3.18 3.68
C PHE A 282 14.53 -2.35 2.97
N PHE A 283 14.75 -1.10 3.42
CA PHE A 283 15.75 -0.18 2.84
C PHE A 283 17.13 -0.84 2.82
N ARG A 284 17.58 -1.39 3.96
CA ARG A 284 18.95 -1.97 4.09
C ARG A 284 19.15 -3.18 3.16
N LEU A 285 18.07 -3.85 2.72
CA LEU A 285 18.13 -5.07 1.85
C LEU A 285 18.04 -4.71 0.37
N LEU A 286 17.78 -3.45 0.02
CA LEU A 286 17.83 -2.94 -1.37
C LEU A 286 19.29 -2.72 -1.77
C4 WGV B . 11.33 10.24 1.88
C5 WGV B . 12.49 10.63 2.54
C6 WGV B . 13.56 11.16 1.82
C7 WGV B . 13.47 11.33 0.46
C8 WGV B . 12.31 10.95 -0.21
C10 WGV B . 10.08 8.16 -4.67
C13 WGV B . 7.28 8.19 -3.83
N WGV B . 8.41 8.79 -3.03
C WGV B . 8.05 9.03 -1.60
C1 WGV B . 9.15 9.56 -0.79
C11 WGV B . 8.98 7.48 -5.51
C12 WGV B . 7.67 8.19 -5.31
C2 WGV B . 10.10 9.95 -0.20
C3 WGV B . 11.24 10.39 0.50
C9 WGV B . 9.68 7.98 -3.22
S DMS C . -10.67 -4.93 -2.12
O DMS C . -9.23 -4.59 -2.50
C1 DMS C . -11.32 -3.48 -1.30
C2 DMS C . -11.62 -4.80 -3.62
C1 EDO D . 7.98 -14.32 -15.91
O1 EDO D . 6.86 -13.71 -15.29
C2 EDO D . 8.80 -13.41 -16.75
O2 EDO D . 8.87 -12.03 -16.33
C1 EDO E . -4.84 -0.35 2.34
O1 EDO E . -5.93 -1.15 1.92
C2 EDO E . -3.54 -1.04 2.22
O2 EDO E . -3.21 -1.90 3.31
C1 EDO F . -3.65 7.50 3.59
O1 EDO F . -4.63 7.10 4.52
C2 EDO F . -2.87 6.35 3.04
O2 EDO F . -1.65 6.07 3.71
C1 EDO G . -12.98 -1.75 -10.44
O1 EDO G . -13.86 -2.05 -11.49
C2 EDO G . -11.67 -1.30 -10.95
O2 EDO G . -10.83 -0.55 -10.06
C1 EDO H . -8.23 0.40 24.74
O1 EDO H . -9.49 -0.05 25.21
C2 EDO H . -7.61 -0.51 23.72
O2 EDO H . -6.22 -0.77 23.93
C1 EDO I . -1.20 3.29 0.23
O1 EDO I . -2.27 2.50 0.68
C2 EDO I . 0.09 2.95 0.89
O2 EDO I . -0.15 2.43 2.19
#